data_4MD1
#
_entry.id   4MD1
#
_cell.length_a   60.910
_cell.length_b   60.910
_cell.length_c   110.100
_cell.angle_alpha   90.00
_cell.angle_beta   90.00
_cell.angle_gamma   120.00
#
_symmetry.space_group_name_H-M   'P 63'
#
loop_
_entity.id
_entity.type
_entity.pdbx_description
1 polymer Bacteriorhodopsin
2 non-polymer 2,3-DI-PHYTANYL-GLYCEROL
3 non-polymer (6E,10E,14E,18E)-2,6,10,15,19,23-hexamethyltetracosa-2,6,10,14,18,22-hexaene
4 non-polymer RETINAL
5 water water
#
_entity_poly.entity_id   1
_entity_poly.type   'polypeptide(L)'
_entity_poly.pdbx_seq_one_letter_code
;QAQITGRPEWIWLALGTALMGLGTLYFLVKGMGVSDPDAKKFYAITTLVPAIAFTMYLSMLLGYGLTMVPFGGEQNPIYW
ARYADWLFTTPLLLLDLALLVDADQGTILALVGADGIMIGTGLVGALTKVYSYRFVWWAISTAAMLYILYVLFFGFTSKA
ESMRPEVASTFKVLRNVTVVLWSAYPVVWLIGSEGAGIVPLNIETLLFMVLDVSAKVGFGLILLRSRAIFGEAEAPEPSA
GDGAAATS
;
_entity_poly.pdbx_strand_id   A
#
loop_
_chem_comp.id
_chem_comp.type
_chem_comp.name
_chem_comp.formula
L2P non-polymer 2,3-DI-PHYTANYL-GLYCEROL 'C43 H88 O3'
RET non-polymer RETINAL 'C20 H28 O'
SQL non-polymer (6E,10E,14E,18E)-2,6,10,15,19,23-hexamethyltetracosa-2,6,10,14,18,22-hexaene 'C30 H50'
#
# COMPACT_ATOMS: atom_id res chain seq x y z
N THR A 5 0.28 -9.58 22.72
CA THR A 5 -0.87 -10.44 22.95
C THR A 5 -0.55 -11.90 22.68
N GLY A 6 -1.58 -12.72 22.80
CA GLY A 6 -1.51 -14.10 22.40
C GLY A 6 -2.03 -14.41 21.00
N ARG A 7 -2.15 -13.43 20.11
CA ARG A 7 -2.35 -13.74 18.69
CA ARG A 7 -2.34 -13.75 18.70
C ARG A 7 -0.94 -13.90 18.14
N PRO A 8 -0.64 -15.05 17.55
CA PRO A 8 0.77 -15.19 17.16
C PRO A 8 1.27 -14.13 16.19
N GLU A 9 0.37 -13.54 15.40
CA GLU A 9 0.79 -12.50 14.45
C GLU A 9 1.16 -11.17 15.12
N TRP A 10 1.00 -11.05 16.44
CA TRP A 10 1.29 -9.78 17.12
C TRP A 10 2.72 -9.30 16.81
N ILE A 11 3.68 -10.21 16.73
CA ILE A 11 5.08 -9.79 16.52
C ILE A 11 5.26 -9.03 15.21
N TRP A 12 4.58 -9.49 14.16
CA TRP A 12 4.67 -8.82 12.86
C TRP A 12 3.94 -7.50 12.86
N LEU A 13 2.80 -7.46 13.56
CA LEU A 13 2.09 -6.20 13.76
C LEU A 13 2.93 -5.17 14.54
N ALA A 14 3.61 -5.63 15.59
CA ALA A 14 4.49 -4.78 16.38
C ALA A 14 5.68 -4.24 15.55
N LEU A 15 6.33 -5.13 14.79
CA LEU A 15 7.45 -4.70 13.99
CA LEU A 15 7.44 -4.71 13.93
C LEU A 15 6.97 -3.75 12.87
N GLY A 16 5.78 -4.02 12.32
CA GLY A 16 5.23 -3.14 11.30
C GLY A 16 4.98 -1.77 11.88
N THR A 17 4.41 -1.74 13.07
CA THR A 17 4.10 -0.48 13.72
C THR A 17 5.40 0.29 13.89
N ALA A 18 6.42 -0.39 14.41
CA ALA A 18 7.70 0.25 14.69
C ALA A 18 8.38 0.79 13.43
N LEU A 19 8.41 -0.01 12.38
CA LEU A 19 9.11 0.37 11.16
C LEU A 19 8.38 1.51 10.43
N MET A 20 7.04 1.49 10.46
CA MET A 20 6.27 2.59 9.90
C MET A 20 6.48 3.86 10.71
N GLY A 21 6.50 3.71 12.04
CA GLY A 21 6.71 4.85 12.92
C GLY A 21 8.07 5.48 12.71
N LEU A 22 9.10 4.64 12.73
CA LEU A 22 10.45 5.10 12.46
C LEU A 22 10.62 5.70 11.05
N GLY A 23 10.03 5.06 10.04
CA GLY A 23 10.07 5.64 8.71
C GLY A 23 9.40 7.00 8.63
N THR A 24 8.25 7.15 9.30
CA THR A 24 7.59 8.45 9.40
C THR A 24 8.50 9.51 10.00
N LEU A 25 9.06 9.21 11.18
CA LEU A 25 9.98 10.15 11.83
C LEU A 25 11.17 10.50 10.94
N TYR A 26 11.74 9.51 10.30
CA TYR A 26 12.89 9.76 9.42
C TYR A 26 12.52 10.71 8.27
N PHE A 27 11.44 10.42 7.55
CA PHE A 27 11.02 11.29 6.45
C PHE A 27 10.67 12.70 6.94
N LEU A 28 10.02 12.80 8.10
CA LEU A 28 9.69 14.09 8.70
C LEU A 28 10.91 14.96 8.93
N VAL A 29 11.91 14.38 9.60
CA VAL A 29 13.17 15.06 9.86
C VAL A 29 13.87 15.40 8.56
N LYS A 30 13.98 14.42 7.67
CA LYS A 30 14.58 14.65 6.36
C LYS A 30 13.97 15.80 5.55
N GLY A 31 12.65 16.00 5.62
CA GLY A 31 12.06 17.02 4.79
C GLY A 31 12.06 18.36 5.48
N MET A 32 12.58 18.41 6.71
CA MET A 32 12.71 19.69 7.39
C MET A 32 13.62 20.57 6.61
N GLY A 33 13.17 21.79 6.36
CA GLY A 33 14.02 22.73 5.68
C GLY A 33 13.87 22.75 4.18
N VAL A 34 13.15 21.78 3.60
CA VAL A 34 12.96 21.78 2.17
C VAL A 34 12.06 22.96 1.74
N SER A 35 12.52 23.78 0.79
CA SER A 35 11.75 24.96 0.40
C SER A 35 11.18 24.84 -1.00
N ASP A 36 11.82 24.01 -1.82
CA ASP A 36 11.36 23.84 -3.18
C ASP A 36 9.95 23.25 -3.14
N PRO A 37 8.99 23.92 -3.80
CA PRO A 37 7.55 23.57 -3.79
C PRO A 37 7.31 22.18 -4.34
N ASP A 38 8.03 21.83 -5.40
CA ASP A 38 7.86 20.51 -5.98
C ASP A 38 8.30 19.44 -4.96
N ALA A 39 9.49 19.63 -4.38
CA ALA A 39 10.03 18.68 -3.39
C ALA A 39 9.13 18.54 -2.18
N LYS A 40 8.55 19.67 -1.75
CA LYS A 40 7.61 19.68 -0.64
C LYS A 40 6.43 18.77 -0.89
N LYS A 41 5.94 18.76 -2.13
CA LYS A 41 4.83 17.88 -2.48
C LYS A 41 5.22 16.43 -2.26
N PHE A 42 6.38 16.05 -2.77
CA PHE A 42 6.84 14.69 -2.61
C PHE A 42 7.10 14.30 -1.15
N TYR A 43 7.71 15.21 -0.38
CA TYR A 43 7.92 14.94 1.04
C TYR A 43 6.59 14.79 1.74
N ALA A 44 5.63 15.62 1.40
CA ALA A 44 4.36 15.58 2.11
C ALA A 44 3.67 14.24 1.85
N ILE A 45 3.55 13.90 0.57
CA ILE A 45 2.87 12.67 0.18
C ILE A 45 3.60 11.50 0.82
N THR A 46 4.93 11.54 0.76
CA THR A 46 5.74 10.38 1.08
C THR A 46 5.87 10.16 2.60
N THR A 47 5.76 11.22 3.38
CA THR A 47 5.76 11.12 4.83
C THR A 47 4.36 10.72 5.32
N LEU A 48 3.32 11.22 4.65
CA LEU A 48 1.96 10.89 5.05
CA LEU A 48 1.94 10.86 5.04
C LEU A 48 1.70 9.39 4.91
N VAL A 49 2.28 8.77 3.89
CA VAL A 49 2.02 7.35 3.64
C VAL A 49 2.38 6.43 4.84
N PRO A 50 3.63 6.50 5.34
CA PRO A 50 3.89 5.63 6.48
C PRO A 50 3.26 6.15 7.79
N ALA A 51 2.92 7.44 7.87
CA ALA A 51 2.24 7.91 9.08
C ALA A 51 0.85 7.27 9.19
N ILE A 52 0.14 7.25 8.08
CA ILE A 52 -1.14 6.53 8.05
C ILE A 52 -0.98 5.04 8.34
N ALA A 53 -0.03 4.41 7.68
CA ALA A 53 0.25 3.00 7.95
C ALA A 53 0.59 2.71 9.41
N PHE A 54 1.39 3.59 10.02
CA PHE A 54 1.70 3.49 11.44
C PHE A 54 0.41 3.43 12.26
N THR A 55 -0.53 4.32 11.99
CA THR A 55 -1.77 4.30 12.78
C THR A 55 -2.55 3.02 12.59
N MET A 56 -2.58 2.50 11.37
CA MET A 56 -3.39 1.34 11.09
C MET A 56 -2.71 0.06 11.57
N TYR A 57 -1.38 -0.02 11.46
CA TYR A 57 -0.65 -1.10 12.13
C TYR A 57 -0.90 -1.11 13.64
N LEU A 58 -0.82 0.05 14.26
CA LEU A 58 -1.07 0.10 15.69
C LEU A 58 -2.49 -0.35 16.00
N SER A 59 -3.44 0.04 15.17
CA SER A 59 -4.82 -0.36 15.42
C SER A 59 -4.95 -1.89 15.31
N MET A 60 -4.19 -2.52 14.42
CA MET A 60 -4.25 -3.98 14.34
C MET A 60 -3.58 -4.62 15.56
N LEU A 61 -2.43 -4.05 15.94
CA LEU A 61 -1.68 -4.55 17.08
C LEU A 61 -2.54 -4.57 18.35
N LEU A 62 -3.27 -3.45 18.57
CA LEU A 62 -4.12 -3.25 19.76
C LEU A 62 -5.45 -4.01 19.68
N GLY A 63 -5.77 -4.51 18.49
CA GLY A 63 -6.95 -5.34 18.29
C GLY A 63 -8.16 -4.58 17.74
N TYR A 64 -8.05 -3.27 17.66
CA TYR A 64 -9.17 -2.48 17.17
C TYR A 64 -9.50 -2.79 15.69
N GLY A 65 -8.47 -3.05 14.91
CA GLY A 65 -8.68 -3.14 13.47
C GLY A 65 -8.92 -4.56 13.00
N LEU A 66 -9.41 -5.40 13.90
CA LEU A 66 -9.65 -6.82 13.66
C LEU A 66 -11.13 -7.09 13.86
N THR A 67 -11.74 -7.87 12.97
CA THR A 67 -13.12 -8.28 13.18
C THR A 67 -13.23 -9.76 12.84
N MET A 68 -14.32 -10.41 13.24
CA MET A 68 -14.54 -11.82 12.89
C MET A 68 -15.56 -11.87 11.75
N VAL A 69 -15.26 -12.58 10.68
CA VAL A 69 -16.24 -12.74 9.59
C VAL A 69 -16.60 -14.22 9.48
N PRO A 70 -17.91 -14.55 9.52
CA PRO A 70 -18.33 -15.94 9.38
C PRO A 70 -18.29 -16.28 7.90
N PHE A 71 -17.56 -17.34 7.57
CA PHE A 71 -17.68 -17.90 6.25
C PHE A 71 -17.04 -19.26 6.33
N GLY A 72 -17.34 -20.10 5.36
CA GLY A 72 -16.84 -21.46 5.37
C GLY A 72 -17.08 -22.12 6.70
N GLY A 73 -18.08 -21.63 7.43
CA GLY A 73 -18.56 -22.31 8.62
C GLY A 73 -17.71 -22.09 9.85
N GLU A 74 -16.90 -21.03 9.81
CA GLU A 74 -15.99 -20.68 10.88
C GLU A 74 -16.13 -19.20 11.19
N GLN A 75 -15.57 -18.75 12.32
CA GLN A 75 -15.47 -17.31 12.58
C GLN A 75 -14.05 -16.94 12.19
N ASN A 76 -13.88 -16.15 11.14
CA ASN A 76 -12.56 -15.91 10.60
C ASN A 76 -12.07 -14.50 10.96
N PRO A 77 -10.91 -14.36 11.60
CA PRO A 77 -10.24 -13.10 11.97
C PRO A 77 -9.84 -12.37 10.68
N ILE A 78 -10.45 -11.22 10.43
CA ILE A 78 -10.11 -10.40 9.27
C ILE A 78 -9.65 -9.05 9.78
N TYR A 79 -8.41 -8.70 9.47
CA TYR A 79 -7.91 -7.35 9.77
C TYR A 79 -8.46 -6.30 8.80
N TRP A 80 -9.53 -5.62 9.17
CA TRP A 80 -10.12 -4.70 8.20
C TRP A 80 -9.32 -3.41 8.12
N ALA A 81 -8.50 -3.14 9.14
CA ALA A 81 -7.81 -1.87 9.16
C ALA A 81 -6.83 -1.76 8.02
N ARG A 82 -6.36 -2.89 7.49
CA ARG A 82 -5.52 -2.82 6.30
C ARG A 82 -6.15 -2.01 5.19
N TYR A 83 -7.45 -2.18 4.97
CA TYR A 83 -8.13 -1.50 3.85
C TYR A 83 -8.28 -0.01 4.11
N ALA A 84 -8.50 0.35 5.37
CA ALA A 84 -8.58 1.76 5.73
C ALA A 84 -7.23 2.45 5.47
N ASP A 85 -6.12 1.74 5.75
CA ASP A 85 -4.79 2.21 5.39
C ASP A 85 -4.68 2.38 3.87
N TRP A 86 -4.86 1.27 3.18
CA TRP A 86 -4.65 1.21 1.75
C TRP A 86 -5.55 2.18 1.00
N LEU A 87 -6.75 2.39 1.51
CA LEU A 87 -7.67 3.32 0.86
C LEU A 87 -7.04 4.70 0.65
N PHE A 88 -6.24 5.15 1.62
CA PHE A 88 -5.55 6.43 1.54
C PHE A 88 -4.12 6.33 1.03
N THR A 89 -3.42 5.27 1.40
CA THR A 89 -2.00 5.26 1.09
C THR A 89 -1.72 4.85 -0.34
N THR A 90 -2.54 3.97 -0.89
CA THR A 90 -2.27 3.54 -2.25
C THR A 90 -2.50 4.67 -3.30
N PRO A 91 -3.58 5.44 -3.19
CA PRO A 91 -3.63 6.55 -4.16
C PRO A 91 -2.52 7.57 -3.96
N LEU A 92 -2.13 7.80 -2.69
CA LEU A 92 -1.00 8.69 -2.41
C LEU A 92 0.27 8.22 -3.12
N LEU A 93 0.56 6.94 -3.03
CA LEU A 93 1.71 6.37 -3.71
C LEU A 93 1.61 6.56 -5.23
N LEU A 94 0.42 6.34 -5.79
CA LEU A 94 0.21 6.58 -7.22
C LEU A 94 0.38 8.06 -7.55
N LEU A 95 0.01 8.92 -6.61
CA LEU A 95 0.14 10.36 -6.83
C LEU A 95 1.63 10.74 -6.94
N ASP A 96 2.48 10.11 -6.14
CA ASP A 96 3.94 10.33 -6.22
C ASP A 96 4.40 9.96 -7.64
N LEU A 97 3.93 8.86 -8.16
CA LEU A 97 4.41 8.46 -9.48
C LEU A 97 3.91 9.42 -10.53
N ALA A 98 2.63 9.79 -10.40
CA ALA A 98 1.98 10.66 -11.38
C ALA A 98 2.59 12.07 -11.37
N LEU A 99 2.91 12.58 -10.19
CA LEU A 99 3.59 13.87 -10.13
C LEU A 99 5.01 13.83 -10.70
N LEU A 100 5.73 12.74 -10.46
CA LEU A 100 7.04 12.61 -11.08
C LEU A 100 6.99 12.83 -12.56
N VAL A 101 6.01 12.23 -13.25
CA VAL A 101 5.95 12.33 -14.71
C VAL A 101 5.08 13.45 -15.23
N ASP A 102 4.62 14.31 -14.34
CA ASP A 102 3.72 15.38 -14.75
C ASP A 102 2.48 14.86 -15.50
N ALA A 103 1.87 13.81 -14.95
CA ALA A 103 0.69 13.19 -15.56
C ALA A 103 -0.45 14.18 -15.77
N ASP A 104 -1.17 14.01 -16.88
CA ASP A 104 -2.46 14.65 -17.13
C ASP A 104 -3.43 14.39 -15.98
N GLN A 105 -4.28 15.37 -15.69
CA GLN A 105 -5.26 15.25 -14.62
C GLN A 105 -6.22 14.09 -14.86
N GLY A 106 -6.56 13.86 -16.13
CA GLY A 106 -7.47 12.78 -16.49
C GLY A 106 -6.88 11.45 -16.07
N THR A 107 -5.58 11.32 -16.31
CA THR A 107 -4.84 10.10 -15.99
C THR A 107 -4.76 9.90 -14.48
N ILE A 108 -4.51 10.99 -13.74
CA ILE A 108 -4.47 10.92 -12.28
C ILE A 108 -5.82 10.47 -11.75
N LEU A 109 -6.91 11.05 -12.27
CA LEU A 109 -8.25 10.65 -11.86
C LEU A 109 -8.52 9.16 -12.17
N ALA A 110 -8.14 8.71 -13.37
CA ALA A 110 -8.26 7.30 -13.72
C ALA A 110 -7.52 6.41 -12.71
N LEU A 111 -6.31 6.80 -12.36
CA LEU A 111 -5.49 6.01 -11.45
C LEU A 111 -6.09 5.96 -10.05
N VAL A 112 -6.41 7.13 -9.52
CA VAL A 112 -6.99 7.25 -8.18
C VAL A 112 -8.33 6.52 -8.08
N GLY A 113 -9.14 6.66 -9.13
CA GLY A 113 -10.44 6.02 -9.12
C GLY A 113 -10.34 4.51 -9.24
N ALA A 114 -9.49 4.03 -10.14
CA ALA A 114 -9.30 2.59 -10.25
C ALA A 114 -8.76 2.01 -8.94
N ASP A 115 -7.90 2.80 -8.28
CA ASP A 115 -7.30 2.37 -7.02
C ASP A 115 -8.37 2.29 -5.94
N GLY A 116 -9.27 3.27 -5.91
CA GLY A 116 -10.38 3.26 -4.97
C GLY A 116 -11.22 2.02 -5.16
N ILE A 117 -11.44 1.69 -6.44
CA ILE A 117 -12.21 0.52 -6.76
C ILE A 117 -11.46 -0.75 -6.31
N MET A 118 -10.15 -0.79 -6.56
CA MET A 118 -9.33 -1.92 -6.13
C MET A 118 -9.45 -2.16 -4.61
N ILE A 119 -9.32 -1.09 -3.84
CA ILE A 119 -9.35 -1.23 -2.40
C ILE A 119 -10.76 -1.49 -1.91
N GLY A 120 -11.76 -0.77 -2.41
CA GLY A 120 -13.11 -0.97 -1.93
C GLY A 120 -13.64 -2.37 -2.22
N THR A 121 -13.38 -2.87 -3.42
CA THR A 121 -13.80 -4.25 -3.73
C THR A 121 -12.98 -5.28 -2.94
N GLY A 122 -11.72 -5.00 -2.66
CA GLY A 122 -10.98 -5.91 -1.79
C GLY A 122 -11.59 -5.96 -0.39
N LEU A 123 -12.02 -4.81 0.14
CA LEU A 123 -12.70 -4.74 1.43
C LEU A 123 -14.03 -5.52 1.42
N VAL A 124 -14.81 -5.31 0.38
CA VAL A 124 -16.04 -6.07 0.22
C VAL A 124 -15.73 -7.56 0.21
N GLY A 125 -14.71 -7.97 -0.54
CA GLY A 125 -14.39 -9.39 -0.58
C GLY A 125 -13.99 -9.88 0.79
N ALA A 126 -13.22 -9.05 1.52
CA ALA A 126 -12.70 -9.43 2.83
C ALA A 126 -13.82 -9.68 3.88
N LEU A 127 -14.92 -8.96 3.72
CA LEU A 127 -16.04 -8.98 4.66
C LEU A 127 -17.23 -9.81 4.18
N THR A 128 -17.11 -10.43 3.00
CA THR A 128 -18.24 -11.16 2.40
C THR A 128 -18.45 -12.53 3.03
N LYS A 129 -19.70 -12.86 3.38
CA LYS A 129 -19.94 -14.06 4.17
C LYS A 129 -20.16 -15.31 3.32
N VAL A 130 -20.44 -15.13 2.04
CA VAL A 130 -20.56 -16.27 1.13
C VAL A 130 -19.21 -16.53 0.51
N TYR A 131 -18.63 -17.65 0.90
CA TYR A 131 -17.26 -17.98 0.52
C TYR A 131 -16.94 -17.80 -0.96
N SER A 132 -17.73 -18.40 -1.86
CA SER A 132 -17.38 -18.33 -3.28
CA SER A 132 -17.34 -18.33 -3.26
C SER A 132 -17.38 -16.90 -3.78
N TYR A 133 -18.30 -16.09 -3.28
CA TYR A 133 -18.36 -14.71 -3.74
C TYR A 133 -17.16 -13.88 -3.34
N ARG A 134 -16.46 -14.26 -2.27
CA ARG A 134 -15.24 -13.53 -1.89
C ARG A 134 -14.29 -13.45 -3.07
N PHE A 135 -14.24 -14.52 -3.85
CA PHE A 135 -13.33 -14.59 -4.98
C PHE A 135 -13.79 -13.80 -6.20
N VAL A 136 -15.09 -13.59 -6.34
CA VAL A 136 -15.59 -12.65 -7.34
C VAL A 136 -15.03 -11.24 -7.09
N TRP A 137 -15.10 -10.78 -5.84
CA TRP A 137 -14.57 -9.47 -5.45
C TRP A 137 -13.07 -9.40 -5.67
N TRP A 138 -12.37 -10.47 -5.30
CA TRP A 138 -10.94 -10.59 -5.55
C TRP A 138 -10.62 -10.39 -7.04
N ALA A 139 -11.41 -11.02 -7.90
CA ALA A 139 -11.16 -10.93 -9.34
C ALA A 139 -11.38 -9.51 -9.85
N ILE A 140 -12.45 -8.88 -9.40
CA ILE A 140 -12.75 -7.52 -9.81
C ILE A 140 -11.66 -6.57 -9.31
N SER A 141 -11.27 -6.74 -8.05
CA SER A 141 -10.17 -5.95 -7.48
C SER A 141 -8.87 -6.12 -8.28
N THR A 142 -8.59 -7.37 -8.65
CA THR A 142 -7.40 -7.69 -9.42
C THR A 142 -7.48 -7.05 -10.80
N ALA A 143 -8.67 -7.04 -11.41
CA ALA A 143 -8.81 -6.37 -12.70
C ALA A 143 -8.47 -4.88 -12.57
N ALA A 144 -8.90 -4.26 -11.47
CA ALA A 144 -8.60 -2.85 -11.24
C ALA A 144 -7.11 -2.66 -11.08
N MET A 145 -6.46 -3.61 -10.39
CA MET A 145 -5.01 -3.51 -10.22
C MET A 145 -4.34 -3.63 -11.59
N LEU A 146 -4.80 -4.55 -12.41
CA LEU A 146 -4.18 -4.72 -13.72
C LEU A 146 -4.34 -3.48 -14.60
N TYR A 147 -5.49 -2.83 -14.49
CA TYR A 147 -5.70 -1.54 -15.16
C TYR A 147 -4.68 -0.51 -14.69
N ILE A 148 -4.50 -0.43 -13.38
CA ILE A 148 -3.51 0.48 -12.83
C ILE A 148 -2.12 0.16 -13.40
N LEU A 149 -1.71 -1.10 -13.35
CA LEU A 149 -0.39 -1.45 -13.87
C LEU A 149 -0.27 -1.12 -15.36
N TYR A 150 -1.36 -1.30 -16.11
CA TYR A 150 -1.36 -1.01 -17.54
C TYR A 150 -1.09 0.48 -17.79
N VAL A 151 -1.75 1.31 -17.01
CA VAL A 151 -1.58 2.75 -17.14
C VAL A 151 -0.15 3.18 -16.81
N LEU A 152 0.42 2.60 -15.76
CA LEU A 152 1.80 2.92 -15.41
C LEU A 152 2.77 2.55 -16.54
N PHE A 153 2.45 1.54 -17.34
CA PHE A 153 3.32 1.13 -18.47
C PHE A 153 2.94 1.69 -19.82
N PHE A 154 1.67 2.01 -20.01
CA PHE A 154 1.22 2.37 -21.35
C PHE A 154 0.52 3.72 -21.43
N GLY A 155 0.36 4.39 -20.29
CA GLY A 155 -0.41 5.63 -20.20
C GLY A 155 0.37 6.93 -20.14
N PHE A 156 1.70 6.84 -20.05
CA PHE A 156 2.55 8.02 -19.90
C PHE A 156 3.40 8.34 -21.16
N MET A 163 10.44 14.01 -20.38
CA MET A 163 10.82 14.34 -19.01
C MET A 163 12.34 14.45 -18.88
N ARG A 164 12.79 15.07 -17.80
CA ARG A 164 14.22 15.14 -17.48
C ARG A 164 14.76 13.73 -17.30
N PRO A 165 15.98 13.47 -17.78
CA PRO A 165 16.49 12.09 -17.62
C PRO A 165 16.41 11.54 -16.19
N GLU A 166 16.61 12.36 -15.16
CA GLU A 166 16.60 11.82 -13.79
C GLU A 166 15.17 11.50 -13.36
N VAL A 167 14.22 12.21 -13.96
CA VAL A 167 12.83 11.92 -13.74
C VAL A 167 12.53 10.56 -14.36
N ALA A 168 12.94 10.37 -15.61
CA ALA A 168 12.70 9.09 -16.28
C ALA A 168 13.29 7.92 -15.50
N SER A 169 14.53 8.11 -15.04
CA SER A 169 15.27 7.08 -14.36
C SER A 169 14.62 6.68 -13.04
N THR A 170 14.24 7.69 -12.26
CA THR A 170 13.60 7.44 -10.97
C THR A 170 12.21 6.85 -11.14
N PHE A 171 11.47 7.36 -12.12
CA PHE A 171 10.15 6.81 -12.41
C PHE A 171 10.24 5.34 -12.80
N LYS A 172 11.19 5.01 -13.68
CA LYS A 172 11.37 3.62 -14.10
C LYS A 172 11.63 2.66 -12.94
N VAL A 173 12.51 3.05 -12.02
CA VAL A 173 12.85 2.23 -10.86
C VAL A 173 11.64 2.09 -9.97
N LEU A 174 10.97 3.19 -9.69
CA LEU A 174 9.80 3.16 -8.81
C LEU A 174 8.61 2.41 -9.43
N ARG A 175 8.44 2.54 -10.73
CA ARG A 175 7.41 1.75 -11.44
C ARG A 175 7.67 0.24 -11.30
N ASN A 176 8.93 -0.16 -11.46
CA ASN A 176 9.33 -1.56 -11.30
C ASN A 176 9.11 -2.10 -9.87
N VAL A 177 9.50 -1.31 -8.88
CA VAL A 177 9.23 -1.64 -7.47
C VAL A 177 7.74 -1.78 -7.26
N THR A 178 6.99 -0.84 -7.80
CA THR A 178 5.54 -0.88 -7.66
C THR A 178 4.94 -2.13 -8.29
N VAL A 179 5.27 -2.43 -9.54
CA VAL A 179 4.74 -3.64 -10.14
C VAL A 179 5.06 -4.90 -9.35
N VAL A 180 6.31 -5.06 -8.97
CA VAL A 180 6.71 -6.25 -8.25
C VAL A 180 6.02 -6.38 -6.89
N LEU A 181 6.01 -5.31 -6.10
CA LEU A 181 5.43 -5.42 -4.77
C LEU A 181 3.91 -5.46 -4.81
N TRP A 182 3.29 -4.58 -5.59
CA TRP A 182 1.82 -4.53 -5.59
C TRP A 182 1.23 -5.83 -6.10
N SER A 183 1.87 -6.44 -7.11
CA SER A 183 1.34 -7.67 -7.71
CA SER A 183 1.27 -7.64 -7.68
C SER A 183 1.33 -8.85 -6.75
N ALA A 184 2.16 -8.77 -5.71
CA ALA A 184 2.19 -9.80 -4.67
C ALA A 184 0.97 -9.76 -3.75
N TYR A 185 0.37 -8.60 -3.55
CA TYR A 185 -0.75 -8.50 -2.62
C TYR A 185 -1.94 -9.43 -2.93
N PRO A 186 -2.42 -9.44 -4.21
CA PRO A 186 -3.54 -10.33 -4.53
C PRO A 186 -3.19 -11.80 -4.31
N VAL A 187 -1.92 -12.14 -4.47
CA VAL A 187 -1.51 -13.51 -4.24
C VAL A 187 -1.57 -13.88 -2.75
N VAL A 188 -1.03 -13.01 -1.92
CA VAL A 188 -1.07 -13.25 -0.49
C VAL A 188 -2.51 -13.35 -0.02
N TRP A 189 -3.37 -12.45 -0.50
CA TRP A 189 -4.76 -12.47 -0.08
C TRP A 189 -5.41 -13.77 -0.50
N LEU A 190 -5.13 -14.17 -1.73
CA LEU A 190 -5.72 -15.38 -2.24
C LEU A 190 -5.36 -16.65 -1.45
N ILE A 191 -4.08 -16.79 -1.04
CA ILE A 191 -3.59 -17.99 -0.32
C ILE A 191 -3.79 -17.90 1.19
N GLY A 192 -4.01 -16.68 1.67
CA GLY A 192 -4.13 -16.36 3.09
C GLY A 192 -5.50 -16.52 3.71
N SER A 193 -5.66 -16.00 4.92
CA SER A 193 -6.89 -16.18 5.69
C SER A 193 -8.13 -15.53 5.06
N GLU A 194 -7.92 -14.54 4.22
CA GLU A 194 -9.02 -13.87 3.55
C GLU A 194 -9.57 -14.68 2.39
N GLY A 195 -8.73 -15.55 1.81
CA GLY A 195 -9.06 -16.26 0.59
C GLY A 195 -9.09 -17.76 0.85
N ALA A 196 -8.18 -18.52 0.26
CA ALA A 196 -8.28 -19.98 0.35
C ALA A 196 -7.81 -20.59 1.66
N GLY A 197 -7.16 -19.80 2.49
CA GLY A 197 -6.79 -20.27 3.82
C GLY A 197 -5.73 -21.35 3.84
N ILE A 198 -4.84 -21.33 2.86
CA ILE A 198 -3.74 -22.28 2.77
C ILE A 198 -2.48 -21.86 3.51
N VAL A 199 -2.34 -20.56 3.75
CA VAL A 199 -1.28 -19.99 4.55
C VAL A 199 -2.00 -19.41 5.78
N PRO A 200 -1.48 -19.69 6.97
CA PRO A 200 -2.08 -19.20 8.23
C PRO A 200 -1.92 -17.70 8.39
N LEU A 201 -2.79 -17.13 9.21
CA LEU A 201 -2.83 -15.69 9.40
C LEU A 201 -1.50 -15.11 9.87
N ASN A 202 -0.78 -15.84 10.71
CA ASN A 202 0.49 -15.29 11.17
CA ASN A 202 0.52 -15.42 11.17
C ASN A 202 1.50 -15.15 10.02
N ILE A 203 1.59 -16.10 9.12
CA ILE A 203 2.45 -15.95 7.94
C ILE A 203 1.91 -14.90 6.96
N GLU A 204 0.59 -14.87 6.76
CA GLU A 204 -0.01 -13.84 5.93
C GLU A 204 0.37 -12.45 6.45
N THR A 205 0.38 -12.30 7.77
CA THR A 205 0.65 -11.00 8.40
C THR A 205 2.09 -10.60 8.18
N LEU A 206 2.98 -11.57 8.33
CA LEU A 206 4.38 -11.37 8.04
C LEU A 206 4.59 -10.92 6.60
N LEU A 207 3.92 -11.59 5.66
CA LEU A 207 4.10 -11.23 4.26
C LEU A 207 3.62 -9.82 3.97
N PHE A 208 2.42 -9.48 4.45
CA PHE A 208 1.94 -8.11 4.23
C PHE A 208 2.83 -7.08 4.92
N MET A 209 3.40 -7.40 6.07
N MET A 209 3.40 -7.39 6.10
CA MET A 209 4.31 -6.49 6.74
CA MET A 209 4.34 -6.48 6.79
C MET A 209 5.56 -6.20 5.89
C MET A 209 5.58 -6.17 5.91
N VAL A 210 6.18 -7.24 5.35
CA VAL A 210 7.34 -7.06 4.50
C VAL A 210 6.99 -6.26 3.24
N LEU A 211 5.86 -6.61 2.62
CA LEU A 211 5.41 -5.89 1.43
C LEU A 211 5.15 -4.42 1.77
N ASP A 212 4.40 -4.18 2.84
CA ASP A 212 3.99 -2.82 3.16
C ASP A 212 5.20 -1.95 3.48
N VAL A 213 6.11 -2.46 4.30
CA VAL A 213 7.29 -1.68 4.66
C VAL A 213 8.11 -1.36 3.40
N SER A 214 8.26 -2.34 2.53
CA SER A 214 8.99 -2.11 1.29
C SER A 214 8.28 -1.11 0.40
N ALA A 215 6.94 -1.23 0.31
CA ALA A 215 6.16 -0.43 -0.63
C ALA A 215 6.03 0.99 -0.16
N LYS A 216 6.27 1.21 1.13
N LYS A 216 6.31 1.30 1.12
CA LYS A 216 6.10 2.54 1.72
CA LYS A 216 6.09 2.63 1.67
C LYS A 216 7.43 3.20 2.09
C LYS A 216 7.48 3.23 2.09
N VAL A 217 8.12 2.57 3.02
CA VAL A 217 9.39 3.11 3.51
C VAL A 217 10.48 2.83 2.46
N GLY A 218 10.53 1.62 1.92
CA GLY A 218 11.49 1.37 0.85
C GLY A 218 11.31 2.26 -0.38
N PHE A 219 10.10 2.25 -0.93
CA PHE A 219 9.71 3.16 -2.01
C PHE A 219 10.08 4.60 -1.69
N GLY A 220 9.79 5.03 -0.47
CA GLY A 220 10.01 6.42 -0.09
C GLY A 220 11.47 6.82 -0.02
N LEU A 221 12.29 5.91 0.49
CA LEU A 221 13.74 6.10 0.54
C LEU A 221 14.29 6.29 -0.87
N ILE A 222 13.84 5.45 -1.80
CA ILE A 222 14.27 5.57 -3.19
C ILE A 222 13.87 6.92 -3.79
N LEU A 223 12.62 7.30 -3.56
CA LEU A 223 12.08 8.51 -4.12
C LEU A 223 12.75 9.76 -3.54
N LEU A 224 12.87 9.79 -2.22
CA LEU A 224 13.29 11.00 -1.55
C LEU A 224 14.80 11.19 -1.64
N ARG A 225 15.53 10.17 -2.11
CA ARG A 225 16.99 10.25 -2.35
C ARG A 225 17.32 10.81 -3.72
N SER A 226 16.32 10.87 -4.57
CA SER A 226 16.48 11.27 -5.98
C SER A 226 16.46 12.78 -6.16
N ARG A 227 17.21 13.28 -7.15
CA ARG A 227 17.13 14.68 -7.52
C ARG A 227 15.88 14.96 -8.36
N ALA A 228 15.18 13.90 -8.74
CA ALA A 228 13.96 14.04 -9.53
C ALA A 228 12.87 14.82 -8.80
N ILE A 229 12.91 14.88 -7.48
CA ILE A 229 11.79 15.49 -6.78
C ILE A 229 11.94 17.02 -6.73
N PHE A 230 13.08 17.52 -7.20
CA PHE A 230 13.31 18.96 -7.23
C PHE A 230 13.10 19.57 -8.61
N GLY A 231 12.47 20.74 -8.64
CA GLY A 231 12.48 21.53 -9.85
C GLY A 231 13.91 21.70 -10.33
N GLU A 232 14.06 21.96 -11.62
CA GLU A 232 15.35 22.26 -12.18
C GLU A 232 15.66 23.71 -11.82
N ALA A 233 16.67 23.90 -10.99
CA ALA A 233 17.01 25.24 -10.52
C ALA A 233 18.51 25.44 -10.62
N GLU A 234 18.93 26.69 -10.78
CA GLU A 234 20.35 26.99 -10.92
C GLU A 234 21.05 26.99 -9.57
C20 L2P B . 7.05 -20.09 12.81
C21 L2P B . 7.46 -19.17 11.66
C22 L2P B . 8.60 -18.23 12.06
C23 L2P B . 9.00 -17.34 10.88
C25 L2P B . 10.21 -16.49 11.25
C26 L2P B . 10.53 -15.56 10.10
C27 L2P B . 11.65 -14.63 10.50
C28 L2P B . 11.81 -13.56 9.42
C1 SQL C . 13.36 3.52 9.20
C2 SQL C . 14.06 4.31 8.09
C4 SQL C . 15.56 4.42 8.32
C5 SQL C . 16.19 4.94 7.02
C6 SQL C . 17.67 5.31 7.14
C7 SQL C . 18.16 5.72 5.75
C8 SQL C . 19.52 6.43 5.76
C10 SQL C . 11.99 -5.50 4.30
C11 SQL C . 11.56 -4.69 5.50
C12 SQL C . 10.77 -5.58 6.47
C14 SQL C . 11.51 -6.66 7.27
C15 SQL C . 12.39 -6.00 8.33
C17 SQL C . 12.61 -2.52 3.10
C18 SQL C . 13.09 -1.08 2.84
C20 SQL C . 13.75 -0.45 4.08
C21 SQL C . 12.75 -0.33 5.24
C22 SQL C . 13.47 0.22 6.47
C20 L2P D . -6.48 7.24 10.69
C21 L2P D . -5.75 7.69 9.43
C22 L2P D . -6.65 8.61 8.61
C23 L2P D . -5.88 9.12 7.38
C25 L2P D . -6.64 10.17 6.59
C26 L2P D . -5.68 10.58 5.48
C27 L2P D . -6.14 11.71 4.57
C28 L2P D . -5.06 11.85 3.48
C29 L2P D . -5.37 12.96 2.49
C20 L2P E . -17.34 -4.90 9.74
C21 L2P E . -16.32 -4.11 10.57
C22 L2P E . -15.98 -2.68 10.06
C23 L2P E . -15.22 -2.48 8.74
C25 L2P E . -15.04 -0.97 8.46
C26 L2P E . -14.04 -0.76 7.30
C27 L2P E . -13.81 0.73 6.96
C28 L2P E . -12.70 0.93 5.91
C29 L2P E . -12.51 2.43 5.59
C20 L2P F . -9.53 5.06 10.53
C21 L2P F . -10.98 5.28 10.95
C22 L2P F . -11.80 3.97 10.89
C23 L2P F . -13.26 4.46 11.04
C25 L2P F . -14.45 3.48 11.04
C26 L2P F . -14.44 2.57 12.25
C27 L2P F . -15.68 1.70 12.18
C28 L2P F . -15.63 0.72 13.33
C17 L2P G . 8.58 -16.07 4.64
C18 L2P G . 8.70 -16.87 5.93
C20 L2P G . 7.80 -18.10 5.81
C21 L2P G . 7.89 -18.92 7.09
C22 L2P G . 7.08 -20.18 6.89
C23 L2P G . 6.95 -21.01 8.16
C25 L2P G . 6.24 -22.32 7.81
C26 L2P G . 5.81 -23.17 9.01
C27 L2P G . 5.35 -24.53 8.49
C28 L2P G . 4.74 -25.52 9.47
C25 L2P H . 4.80 -20.99 3.75
C26 L2P H . 3.49 -21.78 3.84
C27 L2P H . 3.35 -22.53 5.16
C28 L2P H . 2.02 -23.26 5.17
C29 L2P H . 1.83 -24.09 6.45
C21 L2P I . 3.66 4.37 19.74
C22 L2P I . 3.39 2.89 19.97
C23 L2P I . 2.46 2.69 21.18
C25 L2P I . 2.33 1.20 21.44
C26 L2P I . 1.51 0.88 22.70
C27 L2P I . 1.58 -0.63 22.89
C28 L2P I . 0.88 -1.06 24.19
C21 L2P J . 6.96 -11.27 0.36
C22 L2P J . 5.61 -11.79 -0.19
C23 L2P J . 5.86 -12.63 -1.46
C25 L2P J . 4.57 -12.95 -2.28
C26 L2P J . 3.53 -13.96 -1.86
C27 L2P J . 4.27 -15.26 -2.13
C28 L2P J . 3.51 -16.47 -1.65
C17 L2P K . -5.35 12.33 -4.83
C18 L2P K . -4.90 11.82 -3.46
C20 L2P K . -5.94 10.89 -2.90
C21 L2P K . -5.63 10.54 -1.44
C22 L2P K . -6.62 9.42 -1.28
C23 L2P K . -8.08 9.80 -1.47
C25 L2P K . -8.76 8.45 -1.63
C26 L2P K . -10.26 8.54 -1.47
C27 L2P K . -10.76 7.13 -1.55
C28 L2P K . -12.11 7.13 -0.85
C16 L2P L . 2.96 -7.96 -12.95
C17 L2P L . 1.63 -8.65 -13.19
C18 L2P L . 0.87 -8.73 -11.88
C20 L2P L . -0.03 -9.95 -11.85
C21 L2P L . -0.89 -10.09 -10.61
C22 L2P L . -1.30 -11.57 -10.71
C23 L2P L . -2.48 -11.90 -9.84
C25 L2P L . -3.01 -13.36 -10.00
C26 L2P L . -2.28 -14.58 -9.43
C27 L2P L . -3.07 -15.85 -9.81
C28 L2P L . -2.52 -17.09 -9.13
C15 L2P M . -11.51 -3.98 -16.54
C16 L2P M . -9.99 -3.78 -16.42
C17 L2P M . -9.12 -4.67 -17.35
C18 L2P M . -7.74 -3.98 -17.50
C20 L2P M . -6.81 -4.71 -18.51
C21 L2P M . -5.78 -3.75 -19.18
C22 L2P M . -6.76 -2.81 -19.97
C23 L2P M . -6.24 -1.61 -20.81
C25 L2P M . -7.48 -0.80 -21.26
C26 L2P M . -7.17 0.55 -21.94
C27 L2P M . -6.37 1.43 -20.95
C28 L2P M . -6.09 2.84 -21.47
C11 L2P N . 4.51 -3.95 21.95
C12 L2P N . 5.53 -3.22 21.07
C13 L2P N . 4.86 -2.20 20.16
C15 L2P N . 6.00 -1.48 19.47
C16 L2P N . 5.45 -0.28 18.75
C17 L2P N . 6.69 0.54 18.41
C18 L2P N . 6.31 1.87 17.78
C20 L2P N . 7.54 2.71 17.48
C21 L2P N . 7.11 3.97 16.72
C22 L2P N . 8.32 4.82 16.37
C25 L2P O . 18.05 3.08 -7.15
C26 L2P O . 18.02 2.14 -5.93
C27 L2P O . 17.65 0.63 -6.00
C28 L2P O . 16.26 0.24 -6.49
C29 L2P O . 16.02 -1.24 -6.15
C25 L2P P . 12.45 -10.99 14.31
C26 L2P P . 12.08 -12.46 14.15
C27 L2P P . 11.40 -13.02 15.39
C28 L2P P . 11.03 -14.48 15.11
C29 L2P P . 10.40 -15.16 16.32
C25 L2P Q . 17.17 -7.69 -8.63
C26 L2P Q . 17.47 -6.56 -7.64
C27 L2P Q . 17.25 -7.02 -6.21
C28 L2P Q . 17.39 -5.81 -5.29
C29 L2P Q . 17.07 -6.16 -3.84
C25 L2P R . 10.46 -3.41 17.57
C26 L2P R . 9.80 -4.76 17.42
C27 L2P R . 9.20 -5.03 18.77
C28 L2P R . 8.70 -6.45 18.82
C29 L2P R . 8.38 -6.64 20.29
C21 L2P S . 1.80 -21.22 -0.99
C22 L2P S . 1.61 -22.73 -0.85
C23 L2P S . 1.19 -23.14 0.55
C25 L2P S . 0.77 -24.62 0.65
C26 L2P S . 0.32 -24.83 2.10
C27 L2P S . -0.47 -26.10 2.48
C28 L2P S . 0.09 -27.51 2.29
O1 L2P T . 6.37 18.64 3.36
C11 L2P T . 6.36 18.03 4.66
C12 L2P T . 5.02 17.35 4.88
C13 L2P T . 4.97 16.71 6.27
C14 L2P T . 6.13 15.75 6.36
C15 L2P T . 3.62 16.03 6.57
C16 L2P T . 3.52 15.49 8.02
C17 L2P T . 2.08 15.00 8.26
C18 L2P T . 1.71 14.60 9.72
C20 L2P T . 2.26 13.44 10.55
C21 L2P T . 1.59 13.73 11.91
C22 L2P T . 1.64 12.86 13.20
C23 L2P T . 0.93 11.49 13.16
C25 L2P T . 1.44 10.47 12.17
C26 L2P T . 2.86 10.03 12.47
C27 L2P T . 2.93 9.38 13.85
C28 L2P T . 4.34 8.92 14.15
C29 L2P T . 5.26 10.13 14.12
C30 L2P T . 4.43 8.21 15.50
C1 RET U . -6.14 -6.89 -2.43
C1 RET U . -6.16 -6.85 -2.45
C2 RET U . -7.04 -8.14 -2.56
C2 RET U . -7.04 -8.13 -2.56
C3 RET U . -7.86 -8.26 -3.74
C3 RET U . -7.86 -8.25 -3.74
C4 RET U . -7.12 -8.03 -5.03
C4 RET U . -7.11 -8.03 -5.03
C5 RET U . -6.06 -7.01 -4.92
C5 RET U . -6.05 -7.00 -4.93
C6 RET U . -5.54 -6.48 -3.77
C6 RET U . -5.52 -6.44 -3.80
C7 RET U . -4.51 -5.57 -3.94
C7 RET U . -4.53 -5.46 -3.97
C8 RET U . -3.83 -4.89 -2.92
C8 RET U . -3.86 -4.81 -2.94
C9 RET U . -2.80 -3.97 -3.16
C9 RET U . -2.83 -3.88 -3.24
C10 RET U . -2.19 -3.37 -2.03
C10 RET U . -2.21 -3.29 -2.16
C11 RET U . -1.16 -2.43 -2.03
C11 RET U . -1.13 -2.32 -2.22
C12 RET U . -0.83 -2.01 -0.75
C12 RET U . -0.75 -2.06 -0.87
C13 RET U . 0.09 -1.00 -0.48
C13 RET U . 0.06 -1.02 -0.58
C14 RET U . 0.34 -0.66 0.82
C14 RET U . 0.41 -0.82 0.80
C15 RET U . 1.24 0.33 1.19
C15 RET U . 1.19 0.16 1.22
C16 RET U . -5.06 -7.29 -1.47
C16 RET U . -5.07 -7.27 -1.49
C17 RET U . -6.85 -5.64 -1.93
C17 RET U . -6.86 -5.63 -1.94
C18 RET U . -5.49 -6.67 -6.28
C18 RET U . -5.48 -6.68 -6.28
C19 RET U . -2.22 -3.70 -4.56
C19 RET U . -2.21 -3.75 -4.72
C20 RET U . 0.99 -0.49 -1.62
C20 RET U . 1.06 -0.48 -1.66
#